data_6HPA
#
_entry.id   6HPA
#
_cell.length_a   57.210
_cell.length_b   58.816
_cell.length_c   78.883
_cell.angle_alpha   90.00
_cell.angle_beta   90.00
_cell.angle_gamma   90.00
#
_symmetry.space_group_name_H-M   'P 21 21 21'
#
loop_
_entity.id
_entity.type
_entity.pdbx_description
1 polymer 'Putative polysaccharide deacetylase'
2 non-polymer 'SULFATE ION'
3 non-polymer 2-AMINO-2-HYDROXYMETHYL-PROPANE-1,3-DIOL
4 water water
#
_entity_poly.entity_id   1
_entity_poly.type   'polypeptide(L)'
_entity_poly.pdbx_seq_one_letter_code
;QDNLYEEIQKHAKQYEIAPQNAMIDKIWKATPGYNGRQVDMEASYNNMKKLKKFDQKHLEFKEVSPSVHLEDLSPAPIYR
GHPNKKMVGLTIDVAWGNEYLPRILEILKKHDVKATFFLEGRWVKENLRFAKMIVDANQEVGNHSYTHPNMKTLSSDEIR
DQLQKTNRMIEAATNQKVRWFAPPSGSFRDEVVKIADDFQMGTIMWTVDTIDWKRPEPDVLLQRVMRKIHPGAIVLMHPT
SSTTEALDTMITKLKEQGYKVGNITELLDEKRV
;
_entity_poly.pdbx_strand_id   A
#
loop_
_chem_comp.id
_chem_comp.type
_chem_comp.name
_chem_comp.formula
SO4 non-polymer 'SULFATE ION' 'O4 S -2'
TRS non-polymer 2-AMINO-2-HYDROXYMETHYL-PROPANE-1,3-DIOL 'C4 H12 N O3 1'
#
# COMPACT_ATOMS: atom_id res chain seq x y z
N GLN A 1 -1.48 24.51 40.29
CA GLN A 1 -2.28 25.41 39.50
C GLN A 1 -3.46 24.68 38.86
N ASP A 2 -3.29 24.28 37.60
CA ASP A 2 -4.33 23.56 36.89
C ASP A 2 -4.34 22.10 37.32
N ASN A 3 -5.52 21.50 37.39
CA ASN A 3 -5.53 20.08 37.62
C ASN A 3 -5.20 19.37 36.29
N LEU A 4 -5.11 18.05 36.36
CA LEU A 4 -4.72 17.27 35.19
C LEU A 4 -5.71 17.47 34.05
N TYR A 5 -7.01 17.49 34.35
CA TYR A 5 -8.00 17.68 33.30
C TYR A 5 -7.75 18.99 32.55
N GLU A 6 -7.46 20.06 33.28
CA GLU A 6 -7.21 21.34 32.64
C GLU A 6 -5.92 21.29 31.81
N GLU A 7 -4.90 20.58 32.31
CA GLU A 7 -3.65 20.47 31.55
C GLU A 7 -3.89 19.76 30.22
N ILE A 8 -4.73 18.72 30.22
CA ILE A 8 -5.02 18.06 28.96
C ILE A 8 -5.78 18.99 28.02
N GLN A 9 -6.76 19.72 28.56
CA GLN A 9 -7.49 20.71 27.75
C GLN A 9 -6.54 21.73 27.13
N LYS A 10 -5.60 22.24 27.91
CA LYS A 10 -4.69 23.27 27.44
C LYS A 10 -3.83 22.80 26.29
N HIS A 11 -3.53 21.50 26.24
CA HIS A 11 -2.70 20.89 25.20
C HIS A 11 -3.51 20.35 24.03
N ALA A 12 -4.83 20.42 24.07
CA ALA A 12 -5.64 19.75 23.05
C ALA A 12 -5.37 20.31 21.65
N LYS A 13 -5.35 21.63 21.52
CA LYS A 13 -5.16 22.21 20.19
C LYS A 13 -3.78 21.87 19.63
N GLN A 14 -2.77 21.79 20.49
CA GLN A 14 -1.42 21.49 20.05
C GLN A 14 -1.34 20.16 19.30
N TYR A 15 -2.19 19.20 19.63
CA TYR A 15 -2.14 17.87 19.04
C TYR A 15 -3.26 17.63 18.04
N GLU A 16 -4.06 18.65 17.75
CA GLU A 16 -5.14 18.54 16.77
C GLU A 16 -4.57 18.51 15.36
N ILE A 17 -5.15 17.68 14.50
CA ILE A 17 -4.76 17.63 13.09
C ILE A 17 -6.01 17.65 12.24
N ALA A 18 -6.07 18.57 11.28
CA ALA A 18 -7.21 18.63 10.39
C ALA A 18 -7.19 17.45 9.41
N PRO A 19 -8.35 16.96 8.99
CA PRO A 19 -8.36 15.95 7.93
C PRO A 19 -7.86 16.54 6.62
N GLN A 20 -7.29 15.68 5.78
CA GLN A 20 -6.81 16.07 4.46
C GLN A 20 -7.64 15.39 3.39
N ASN A 21 -8.05 16.15 2.39
CA ASN A 21 -8.93 15.63 1.36
C ASN A 21 -8.16 14.92 0.26
N ALA A 22 -8.82 13.92 -0.33
CA ALA A 22 -8.32 13.32 -1.56
C ALA A 22 -8.31 14.37 -2.67
N MET A 23 -7.37 14.21 -3.59
CA MET A 23 -7.31 15.09 -4.75
CA MET A 23 -7.21 15.13 -4.71
C MET A 23 -6.46 14.42 -5.82
N ILE A 24 -6.56 14.97 -7.03
CA ILE A 24 -5.72 14.54 -8.15
C ILE A 24 -4.62 15.56 -8.28
N ASP A 25 -3.42 15.17 -7.87
CA ASP A 25 -2.26 16.04 -7.96
C ASP A 25 -1.80 16.14 -9.40
N LYS A 26 -1.39 17.34 -9.81
CA LYS A 26 -0.95 17.53 -11.18
C LYS A 26 0.18 16.57 -11.55
N ILE A 27 1.07 16.29 -10.61
N ILE A 27 1.08 16.30 -10.61
CA ILE A 27 2.20 15.40 -10.84
CA ILE A 27 2.21 15.40 -10.86
C ILE A 27 1.92 13.97 -10.40
C ILE A 27 1.86 13.97 -10.43
N TRP A 28 1.46 13.79 -9.17
CA TRP A 28 1.30 12.45 -8.60
C TRP A 28 -0.07 11.84 -8.82
N LYS A 29 -1.02 12.55 -9.42
CA LYS A 29 -2.35 12.04 -9.82
C LYS A 29 -3.13 11.66 -8.56
N ALA A 30 -3.91 10.56 -8.60
CA ALA A 30 -4.94 10.34 -7.58
C ALA A 30 -4.31 10.01 -6.23
N THR A 31 -4.62 10.83 -5.22
CA THR A 31 -4.07 10.69 -3.87
C THR A 31 -5.22 10.57 -2.89
N PRO A 32 -5.19 9.60 -1.96
CA PRO A 32 -6.28 9.47 -1.00
C PRO A 32 -6.29 10.62 -0.01
N GLY A 33 -7.42 10.76 0.67
CA GLY A 33 -7.49 11.60 1.85
C GLY A 33 -6.86 10.92 3.06
N TYR A 34 -6.81 11.66 4.17
CA TYR A 34 -6.20 11.15 5.39
C TYR A 34 -6.93 11.74 6.59
N ASN A 35 -7.30 10.89 7.55
CA ASN A 35 -8.04 11.34 8.72
C ASN A 35 -7.26 12.40 9.49
N GLY A 36 -8.00 13.34 10.09
CA GLY A 36 -7.49 14.19 11.14
C GLY A 36 -7.71 13.56 12.51
N ARG A 37 -7.41 14.34 13.54
CA ARG A 37 -7.58 13.82 14.90
C ARG A 37 -7.81 14.97 15.87
N GLN A 38 -8.52 14.64 16.96
CA GLN A 38 -8.69 15.55 18.10
C GLN A 38 -8.55 14.73 19.36
N VAL A 39 -8.08 15.38 20.42
CA VAL A 39 -7.89 14.69 21.69
C VAL A 39 -9.21 14.14 22.20
N ASP A 40 -9.18 12.87 22.61
CA ASP A 40 -10.26 12.23 23.36
C ASP A 40 -10.02 12.52 24.84
N MET A 41 -10.84 13.41 25.41
CA MET A 41 -10.59 13.87 26.78
C MET A 41 -10.71 12.74 27.78
N GLU A 42 -11.73 11.89 27.63
CA GLU A 42 -11.98 10.86 28.63
C GLU A 42 -10.87 9.82 28.63
N ALA A 43 -10.52 9.32 27.44
CA ALA A 43 -9.48 8.28 27.37
C ALA A 43 -8.12 8.83 27.79
N SER A 44 -7.81 10.06 27.36
CA SER A 44 -6.55 10.69 27.77
C SER A 44 -6.48 10.87 29.28
N TYR A 45 -7.56 11.39 29.88
CA TYR A 45 -7.58 11.55 31.33
C TYR A 45 -7.38 10.22 32.02
N ASN A 46 -8.08 9.19 31.56
CA ASN A 46 -7.98 7.89 32.21
C ASN A 46 -6.58 7.31 32.09
N ASN A 47 -5.86 7.62 31.00
CA ASN A 47 -4.50 7.15 30.84
C ASN A 47 -3.49 7.88 31.72
N MET A 48 -3.79 9.11 32.14
CA MET A 48 -2.83 9.90 32.90
C MET A 48 -3.15 10.04 34.38
N LYS A 49 -4.36 9.70 34.81
CA LYS A 49 -4.77 10.07 36.16
C LYS A 49 -4.06 9.27 37.25
N LYS A 50 -3.57 8.05 36.96
CA LYS A 50 -2.86 7.28 37.97
C LYS A 50 -1.56 7.96 38.36
N LEU A 51 -0.77 8.39 37.37
CA LEU A 51 0.48 9.09 37.64
C LEU A 51 0.29 10.57 37.91
N LYS A 52 -0.93 11.09 37.71
CA LYS A 52 -1.29 12.46 38.07
C LYS A 52 -0.40 13.50 37.40
N LYS A 53 0.03 13.24 36.17
CA LYS A 53 0.85 14.21 35.44
C LYS A 53 0.54 14.10 33.96
N PHE A 54 0.60 15.24 33.28
CA PHE A 54 0.36 15.24 31.85
C PHE A 54 1.55 14.63 31.12
N ASP A 55 1.26 13.72 30.20
CA ASP A 55 2.26 13.01 29.41
C ASP A 55 1.69 12.86 28.01
N GLN A 56 2.25 13.58 27.05
CA GLN A 56 1.69 13.55 25.70
C GLN A 56 1.70 12.13 25.14
N LYS A 57 2.66 11.29 25.57
CA LYS A 57 2.69 9.91 25.12
C LYS A 57 1.40 9.16 25.43
N HIS A 58 0.64 9.61 26.44
CA HIS A 58 -0.56 8.91 26.87
C HIS A 58 -1.83 9.55 26.32
N LEU A 59 -1.72 10.53 25.43
CA LEU A 59 -2.91 11.06 24.78
C LEU A 59 -3.58 9.98 23.95
N GLU A 60 -4.91 10.02 23.91
CA GLU A 60 -5.68 9.23 22.97
C GLU A 60 -6.57 10.18 22.16
N PHE A 61 -6.94 9.73 20.97
CA PHE A 61 -7.55 10.61 19.98
C PHE A 61 -8.82 10.02 19.39
N LYS A 62 -9.70 10.91 18.96
CA LYS A 62 -10.81 10.58 18.07
C LYS A 62 -10.44 11.04 16.66
N GLU A 63 -10.70 10.20 15.67
CA GLU A 63 -10.33 10.57 14.31
C GLU A 63 -11.46 11.30 13.61
N VAL A 64 -11.11 12.09 12.60
CA VAL A 64 -12.03 12.96 11.88
C VAL A 64 -11.86 12.67 10.40
N SER A 65 -12.97 12.30 9.73
CA SER A 65 -12.91 11.94 8.32
C SER A 65 -12.77 13.17 7.44
N PRO A 66 -12.06 13.04 6.32
CA PRO A 66 -12.08 14.10 5.31
C PRO A 66 -13.42 14.15 4.60
N SER A 67 -13.60 15.21 3.80
CA SER A 67 -14.84 15.39 3.06
C SER A 67 -14.77 14.84 1.64
N VAL A 68 -13.58 14.80 1.03
CA VAL A 68 -13.43 14.23 -0.31
C VAL A 68 -12.58 12.97 -0.18
N HIS A 69 -13.05 11.88 -0.77
CA HIS A 69 -12.45 10.57 -0.62
C HIS A 69 -11.90 10.07 -1.97
N LEU A 70 -10.97 9.12 -1.89
CA LEU A 70 -10.37 8.55 -3.09
C LEU A 70 -11.43 8.13 -4.10
N GLU A 71 -12.51 7.49 -3.63
CA GLU A 71 -13.56 7.02 -4.51
C GLU A 71 -14.37 8.13 -5.15
N ASP A 72 -14.26 9.39 -4.67
CA ASP A 72 -14.95 10.52 -5.28
C ASP A 72 -14.21 11.05 -6.50
N LEU A 73 -12.92 10.73 -6.63
CA LEU A 73 -12.12 11.30 -7.69
C LEU A 73 -12.51 10.72 -9.05
N SER A 74 -12.20 11.45 -10.10
CA SER A 74 -12.35 10.89 -11.42
C SER A 74 -11.26 9.84 -11.63
N PRO A 75 -11.46 8.90 -12.55
CA PRO A 75 -10.46 7.84 -12.76
C PRO A 75 -9.08 8.40 -13.09
N ALA A 76 -8.08 7.91 -12.35
CA ALA A 76 -6.70 8.35 -12.50
C ALA A 76 -5.80 7.35 -11.79
N PRO A 77 -4.55 7.21 -12.24
CA PRO A 77 -3.63 6.29 -11.56
C PRO A 77 -3.25 6.78 -10.19
N ILE A 78 -2.91 5.83 -9.33
CA ILE A 78 -2.48 6.07 -7.96
C ILE A 78 -1.00 5.72 -7.88
N TYR A 79 -0.16 6.72 -7.60
CA TYR A 79 1.27 6.49 -7.43
C TYR A 79 1.69 6.37 -5.98
N ARG A 80 0.91 6.94 -5.07
CA ARG A 80 1.36 7.16 -3.70
C ARG A 80 0.18 7.14 -2.76
N GLY A 81 0.46 6.83 -1.49
CA GLY A 81 -0.43 7.19 -0.43
C GLY A 81 -0.29 8.66 -0.08
N HIS A 82 -1.05 9.08 0.92
CA HIS A 82 -1.06 10.48 1.27
C HIS A 82 0.31 10.91 1.81
N PRO A 83 0.81 12.07 1.41
CA PRO A 83 2.19 12.45 1.79
C PRO A 83 2.38 12.77 3.27
N ASN A 84 1.31 12.86 4.06
CA ASN A 84 1.46 13.03 5.51
C ASN A 84 1.28 11.73 6.26
N LYS A 85 0.94 10.64 5.59
CA LYS A 85 0.69 9.37 6.27
C LYS A 85 2.01 8.62 6.41
N LYS A 86 2.42 8.38 7.66
CA LYS A 86 3.74 7.78 7.93
C LYS A 86 3.67 6.27 7.74
N MET A 87 3.42 5.89 6.48
CA MET A 87 3.24 4.51 6.10
C MET A 87 3.80 4.32 4.71
N VAL A 88 4.33 3.13 4.47
CA VAL A 88 4.85 2.70 3.17
C VAL A 88 4.06 1.48 2.72
N GLY A 89 3.69 1.44 1.44
CA GLY A 89 3.03 0.29 0.86
C GLY A 89 4.01 -0.57 0.07
N LEU A 90 3.87 -1.88 0.21
CA LEU A 90 4.71 -2.84 -0.52
C LEU A 90 3.89 -3.50 -1.61
N THR A 91 4.43 -3.51 -2.83
CA THR A 91 3.82 -4.24 -3.92
C THR A 91 4.83 -5.21 -4.53
N ILE A 92 4.34 -6.39 -4.89
CA ILE A 92 5.16 -7.43 -5.47
C ILE A 92 4.46 -7.91 -6.74
N ASP A 93 5.10 -7.68 -7.89
CA ASP A 93 4.56 -8.10 -9.19
C ASP A 93 5.03 -9.52 -9.48
N VAL A 94 4.08 -10.41 -9.77
CA VAL A 94 4.34 -11.86 -9.83
C VAL A 94 3.93 -12.40 -11.20
N ALA A 95 4.93 -12.77 -12.00
CA ALA A 95 4.72 -13.54 -13.22
C ALA A 95 5.75 -14.66 -13.33
N TRP A 96 6.59 -14.81 -12.32
CA TRP A 96 7.69 -15.76 -12.25
C TRP A 96 8.33 -15.66 -10.87
N GLY A 97 9.38 -16.42 -10.60
CA GLY A 97 10.06 -16.34 -9.33
C GLY A 97 9.45 -17.18 -8.22
N ASN A 98 8.83 -18.32 -8.58
CA ASN A 98 8.19 -19.19 -7.60
C ASN A 98 9.12 -19.54 -6.45
N GLU A 99 10.40 -19.76 -6.75
CA GLU A 99 11.32 -20.26 -5.74
C GLU A 99 11.59 -19.25 -4.63
N TYR A 100 11.23 -17.98 -4.82
CA TYR A 100 11.43 -16.97 -3.78
C TYR A 100 10.15 -16.67 -3.00
N LEU A 101 8.99 -17.09 -3.50
CA LEU A 101 7.73 -16.75 -2.83
C LEU A 101 7.65 -17.28 -1.41
N PRO A 102 8.00 -18.54 -1.12
CA PRO A 102 7.89 -18.99 0.29
C PRO A 102 8.72 -18.16 1.25
N ARG A 103 9.97 -17.83 0.89
CA ARG A 103 10.80 -17.04 1.79
C ARG A 103 10.24 -15.64 1.98
N ILE A 104 9.79 -15.01 0.89
CA ILE A 104 9.20 -13.68 1.00
C ILE A 104 7.98 -13.72 1.93
N LEU A 105 7.13 -14.74 1.77
CA LEU A 105 5.96 -14.85 2.63
C LEU A 105 6.36 -15.04 4.09
N GLU A 106 7.44 -15.79 4.35
CA GLU A 106 7.92 -15.98 5.72
C GLU A 106 8.43 -14.67 6.33
N ILE A 107 9.14 -13.88 5.53
CA ILE A 107 9.66 -12.60 6.01
C ILE A 107 8.52 -11.66 6.36
N LEU A 108 7.50 -11.60 5.48
CA LEU A 108 6.33 -10.79 5.78
C LEU A 108 5.64 -11.25 7.06
N LYS A 109 5.51 -12.57 7.24
CA LYS A 109 4.91 -13.10 8.47
C LYS A 109 5.73 -12.69 9.70
N LYS A 110 7.06 -12.82 9.62
CA LYS A 110 7.92 -12.47 10.74
C LYS A 110 7.70 -11.04 11.21
N HIS A 111 7.49 -10.13 10.26
CA HIS A 111 7.31 -8.72 10.57
C HIS A 111 5.85 -8.32 10.77
N ASP A 112 4.91 -9.27 10.63
CA ASP A 112 3.48 -8.97 10.63
C ASP A 112 3.16 -7.81 9.69
N VAL A 113 3.70 -7.89 8.48
CA VAL A 113 3.45 -6.87 7.48
CA VAL A 113 3.54 -6.87 7.43
C VAL A 113 2.84 -7.52 6.24
N LYS A 114 2.02 -6.74 5.56
CA LYS A 114 1.35 -7.20 4.36
C LYS A 114 1.97 -6.53 3.13
N ALA A 115 1.85 -7.21 2.00
CA ALA A 115 2.21 -6.67 0.70
C ALA A 115 1.11 -7.06 -0.28
N THR A 116 0.88 -6.21 -1.28
CA THR A 116 -0.07 -6.56 -2.32
C THR A 116 0.66 -7.34 -3.40
N PHE A 117 0.18 -8.55 -3.70
CA PHE A 117 0.78 -9.41 -4.71
C PHE A 117 -0.02 -9.27 -5.99
N PHE A 118 0.54 -8.57 -6.97
CA PHE A 118 -0.14 -8.41 -8.26
C PHE A 118 0.19 -9.58 -9.16
N LEU A 119 -0.82 -10.38 -9.50
CA LEU A 119 -0.60 -11.66 -10.14
C LEU A 119 -0.91 -11.58 -11.63
N GLU A 120 0.00 -12.09 -12.45
CA GLU A 120 -0.26 -12.24 -13.87
C GLU A 120 -1.19 -13.43 -14.07
N GLY A 121 -2.21 -13.27 -14.91
CA GLY A 121 -3.25 -14.29 -15.01
C GLY A 121 -2.74 -15.63 -15.52
N ARG A 122 -1.91 -15.60 -16.56
CA ARG A 122 -1.31 -16.82 -17.07
C ARG A 122 -0.45 -17.50 -16.01
N TRP A 123 0.24 -16.70 -15.19
CA TRP A 123 1.03 -17.29 -14.11
C TRP A 123 0.12 -18.01 -13.10
N VAL A 124 -1.02 -17.41 -12.73
CA VAL A 124 -1.93 -18.07 -11.80
C VAL A 124 -2.40 -19.40 -12.39
N LYS A 125 -2.81 -19.38 -13.66
CA LYS A 125 -3.30 -20.58 -14.31
C LYS A 125 -2.29 -21.72 -14.23
N GLU A 126 -1.01 -21.39 -14.43
CA GLU A 126 0.06 -22.37 -14.47
C GLU A 126 0.65 -22.67 -13.09
N ASN A 127 0.28 -21.92 -12.05
CA ASN A 127 0.90 -22.04 -10.73
C ASN A 127 -0.15 -21.87 -9.65
N LEU A 128 -1.25 -22.63 -9.77
CA LEU A 128 -2.38 -22.46 -8.87
C LEU A 128 -1.98 -22.60 -7.42
N ARG A 129 -1.06 -23.52 -7.12
CA ARG A 129 -0.71 -23.76 -5.72
C ARG A 129 0.06 -22.59 -5.13
N PHE A 130 0.84 -21.88 -5.95
CA PHE A 130 1.56 -20.70 -5.45
C PHE A 130 0.62 -19.52 -5.25
N ALA A 131 -0.35 -19.35 -6.15
CA ALA A 131 -1.40 -18.36 -5.92
C ALA A 131 -2.14 -18.65 -4.62
N LYS A 132 -2.48 -19.92 -4.38
CA LYS A 132 -3.15 -20.29 -3.14
C LYS A 132 -2.23 -20.06 -1.92
N MET A 133 -0.94 -20.33 -2.09
CA MET A 133 0.02 -20.10 -0.99
C MET A 133 0.01 -18.64 -0.55
N ILE A 134 -0.09 -17.71 -1.50
CA ILE A 134 -0.08 -16.29 -1.15
C ILE A 134 -1.32 -15.93 -0.32
N VAL A 135 -2.49 -16.35 -0.75
CA VAL A 135 -3.68 -15.97 -0.01
C VAL A 135 -3.84 -16.77 1.27
N ASP A 136 -3.26 -17.97 1.33
CA ASP A 136 -3.28 -18.72 2.59
C ASP A 136 -2.39 -18.08 3.65
N ALA A 137 -1.39 -17.31 3.22
CA ALA A 137 -0.60 -16.48 4.12
C ALA A 137 -1.31 -15.18 4.50
N ASN A 138 -2.60 -15.05 4.16
CA ASN A 138 -3.42 -13.89 4.50
C ASN A 138 -2.96 -12.63 3.78
N GLN A 139 -2.40 -12.78 2.59
CA GLN A 139 -1.97 -11.65 1.78
C GLN A 139 -2.99 -11.38 0.68
N GLU A 140 -3.11 -10.11 0.29
CA GLU A 140 -4.05 -9.74 -0.74
C GLU A 140 -3.40 -9.80 -2.12
N VAL A 141 -4.24 -10.07 -3.12
CA VAL A 141 -3.78 -10.21 -4.48
C VAL A 141 -4.45 -9.18 -5.35
N GLY A 142 -3.72 -8.75 -6.38
CA GLY A 142 -4.25 -7.86 -7.39
C GLY A 142 -3.99 -8.41 -8.78
N ASN A 143 -4.43 -7.64 -9.76
CA ASN A 143 -4.44 -8.00 -11.17
C ASN A 143 -3.20 -7.42 -11.84
N HIS A 144 -2.41 -8.26 -12.52
CA HIS A 144 -1.22 -7.80 -13.23
C HIS A 144 -1.30 -8.08 -14.74
N SER A 145 -2.51 -8.05 -15.31
CA SER A 145 -2.80 -8.43 -16.70
C SER A 145 -2.67 -9.93 -16.90
N TYR A 146 -3.01 -10.42 -18.09
CA TYR A 146 -2.98 -11.87 -18.30
C TYR A 146 -1.67 -12.35 -18.86
N THR A 147 -1.10 -11.65 -19.85
CA THR A 147 0.13 -12.08 -20.49
C THR A 147 1.28 -11.08 -20.41
N HIS A 148 1.19 -10.06 -19.55
CA HIS A 148 2.21 -9.02 -19.46
C HIS A 148 2.50 -8.36 -20.82
N PRO A 149 1.48 -7.84 -21.50
CA PRO A 149 1.74 -7.05 -22.72
C PRO A 149 2.05 -5.61 -22.35
N ASN A 150 2.40 -4.81 -23.35
CA ASN A 150 2.44 -3.37 -23.17
C ASN A 150 1.02 -2.85 -23.32
N MET A 151 0.33 -2.59 -22.21
CA MET A 151 -1.08 -2.24 -22.31
C MET A 151 -1.31 -0.86 -22.92
N LYS A 152 -0.29 0.01 -22.94
CA LYS A 152 -0.49 1.32 -23.55
C LYS A 152 -0.77 1.20 -25.04
N THR A 153 -0.28 0.14 -25.68
CA THR A 153 -0.43 0.02 -27.13
C THR A 153 -1.48 -1.00 -27.53
N LEU A 154 -2.23 -1.54 -26.57
CA LEU A 154 -3.26 -2.51 -26.86
C LEU A 154 -4.54 -1.81 -27.28
N SER A 155 -5.35 -2.52 -28.07
CA SER A 155 -6.68 -2.03 -28.34
C SER A 155 -7.53 -2.11 -27.09
N SER A 156 -8.62 -1.34 -27.07
CA SER A 156 -9.51 -1.37 -25.91
C SER A 156 -10.09 -2.77 -25.69
N ASP A 157 -10.37 -3.51 -26.77
CA ASP A 157 -10.85 -4.88 -26.63
C ASP A 157 -9.83 -5.76 -25.93
N GLU A 158 -8.55 -5.62 -26.30
CA GLU A 158 -7.49 -6.42 -25.73
C GLU A 158 -7.27 -6.05 -24.26
N ILE A 159 -7.36 -4.75 -23.93
CA ILE A 159 -7.25 -4.33 -22.53
C ILE A 159 -8.34 -4.99 -21.70
N ARG A 160 -9.58 -4.93 -22.19
CA ARG A 160 -10.71 -5.53 -21.48
C ARG A 160 -10.51 -7.03 -21.29
N ASP A 161 -10.06 -7.71 -22.35
CA ASP A 161 -9.84 -9.16 -22.27
C ASP A 161 -8.73 -9.52 -21.30
N GLN A 162 -7.62 -8.77 -21.32
CA GLN A 162 -6.53 -9.01 -20.38
C GLN A 162 -7.01 -8.87 -18.94
N LEU A 163 -7.76 -7.80 -18.66
CA LEU A 163 -8.19 -7.57 -17.28
C LEU A 163 -9.22 -8.60 -16.84
N GLN A 164 -10.18 -8.91 -17.71
CA GLN A 164 -11.28 -9.79 -17.34
C GLN A 164 -10.80 -11.22 -17.15
N LYS A 165 -9.98 -11.73 -18.07
CA LYS A 165 -9.47 -13.09 -17.93
C LYS A 165 -8.67 -13.23 -16.65
N THR A 166 -7.87 -12.23 -16.33
CA THR A 166 -7.07 -12.29 -15.12
C THR A 166 -7.95 -12.31 -13.87
N ASN A 167 -8.97 -11.46 -13.80
CA ASN A 167 -9.84 -11.46 -12.62
C ASN A 167 -10.58 -12.78 -12.48
N ARG A 168 -11.03 -13.36 -13.59
CA ARG A 168 -11.70 -14.65 -13.48
C ARG A 168 -10.75 -15.72 -12.95
N MET A 169 -9.51 -15.72 -13.42
CA MET A 169 -8.52 -16.70 -12.97
C MET A 169 -8.14 -16.48 -11.51
N ILE A 170 -7.90 -15.23 -11.11
CA ILE A 170 -7.51 -14.96 -9.72
C ILE A 170 -8.64 -15.32 -8.79
N GLU A 171 -9.87 -14.95 -9.14
CA GLU A 171 -10.97 -15.17 -8.21
C GLU A 171 -11.30 -16.65 -8.10
N ALA A 172 -11.12 -17.42 -9.19
CA ALA A 172 -11.32 -18.87 -9.09
C ALA A 172 -10.24 -19.52 -8.23
N ALA A 173 -9.01 -19.01 -8.32
CA ALA A 173 -7.89 -19.66 -7.64
C ALA A 173 -7.71 -19.22 -6.21
N THR A 174 -8.22 -18.05 -5.81
CA THR A 174 -7.99 -17.52 -4.48
C THR A 174 -9.26 -17.21 -3.71
N ASN A 175 -10.40 -17.10 -4.39
CA ASN A 175 -11.68 -16.72 -3.79
C ASN A 175 -11.67 -15.33 -3.17
N GLN A 176 -10.81 -14.44 -3.68
N GLN A 176 -10.84 -14.41 -3.68
CA GLN A 176 -10.73 -13.06 -3.22
CA GLN A 176 -10.76 -13.07 -3.16
C GLN A 176 -11.18 -12.12 -4.33
C GLN A 176 -11.07 -12.05 -4.26
N LYS A 177 -11.91 -11.08 -3.95
CA LYS A 177 -12.28 -10.03 -4.89
C LYS A 177 -11.06 -9.16 -5.19
N VAL A 178 -10.89 -8.78 -6.46
CA VAL A 178 -9.74 -8.00 -6.88
C VAL A 178 -10.11 -6.53 -6.85
N ARG A 179 -9.33 -5.73 -6.12
CA ARG A 179 -9.52 -4.30 -5.99
C ARG A 179 -8.51 -3.47 -6.77
N TRP A 180 -7.33 -4.01 -7.04
CA TRP A 180 -6.21 -3.22 -7.51
C TRP A 180 -5.60 -3.87 -8.74
N PHE A 181 -5.21 -3.02 -9.70
CA PHE A 181 -4.57 -3.45 -10.94
C PHE A 181 -3.24 -2.73 -11.08
N ALA A 182 -2.19 -3.48 -11.41
CA ALA A 182 -0.86 -2.89 -11.64
C ALA A 182 -0.48 -3.10 -13.09
N PRO A 183 -0.28 -2.04 -13.88
CA PRO A 183 0.08 -2.20 -15.30
C PRO A 183 1.44 -2.84 -15.46
N PRO A 184 1.57 -3.79 -16.38
CA PRO A 184 2.89 -4.33 -16.72
C PRO A 184 3.86 -3.22 -17.12
N SER A 185 5.03 -3.23 -16.47
CA SER A 185 6.09 -2.25 -16.69
C SER A 185 5.65 -0.82 -16.42
N GLY A 186 4.51 -0.61 -15.77
CA GLY A 186 4.03 0.73 -15.53
C GLY A 186 3.53 1.43 -16.78
N SER A 187 3.24 0.68 -17.83
CA SER A 187 2.86 1.25 -19.11
C SER A 187 1.35 1.31 -19.22
N PHE A 188 0.81 2.52 -19.39
CA PHE A 188 -0.63 2.67 -19.48
C PHE A 188 -0.95 3.93 -20.26
N ARG A 189 -2.21 4.06 -20.63
CA ARG A 189 -2.81 5.28 -21.12
C ARG A 189 -4.14 5.45 -20.40
N ASP A 190 -4.76 6.61 -20.60
CA ASP A 190 -6.01 6.91 -19.88
C ASP A 190 -7.05 5.82 -20.06
N GLU A 191 -7.17 5.24 -21.27
CA GLU A 191 -8.18 4.22 -21.49
C GLU A 191 -7.94 2.97 -20.65
N VAL A 192 -6.68 2.63 -20.38
CA VAL A 192 -6.40 1.52 -19.47
C VAL A 192 -6.97 1.80 -18.10
N VAL A 193 -6.71 3.01 -17.58
CA VAL A 193 -7.21 3.38 -16.26
C VAL A 193 -8.73 3.35 -16.23
N LYS A 194 -9.37 3.86 -17.28
CA LYS A 194 -10.82 3.91 -17.31
C LYS A 194 -11.43 2.52 -17.38
N ILE A 195 -10.86 1.63 -18.20
CA ILE A 195 -11.39 0.27 -18.29
C ILE A 195 -11.19 -0.48 -16.98
N ALA A 196 -10.01 -0.30 -16.36
CA ALA A 196 -9.79 -0.92 -15.05
C ALA A 196 -10.84 -0.43 -14.06
N ASP A 197 -11.16 0.87 -14.09
CA ASP A 197 -12.21 1.41 -13.22
C ASP A 197 -13.56 0.79 -13.53
N ASP A 198 -13.84 0.51 -14.81
CA ASP A 198 -15.09 -0.15 -15.17
C ASP A 198 -15.19 -1.54 -14.55
N PHE A 199 -14.06 -2.20 -14.30
CA PHE A 199 -14.01 -3.44 -13.54
C PHE A 199 -13.86 -3.22 -12.03
N GLN A 200 -14.08 -1.99 -11.57
CA GLN A 200 -14.05 -1.65 -10.14
C GLN A 200 -12.66 -1.84 -9.54
N MET A 201 -11.62 -1.56 -10.33
CA MET A 201 -10.25 -1.64 -9.86
C MET A 201 -9.58 -0.29 -9.98
N GLY A 202 -8.83 0.09 -8.95
CA GLY A 202 -7.92 1.20 -9.08
C GLY A 202 -6.63 0.76 -9.73
N THR A 203 -5.97 1.71 -10.40
CA THR A 203 -4.73 1.44 -11.12
C THR A 203 -3.57 1.92 -10.25
N ILE A 204 -2.69 0.99 -9.89
CA ILE A 204 -1.62 1.24 -8.92
C ILE A 204 -0.28 1.29 -9.62
N MET A 205 0.45 2.39 -9.41
CA MET A 205 1.82 2.54 -9.89
C MET A 205 2.76 2.41 -8.69
N TRP A 206 3.76 3.27 -8.58
CA TRP A 206 4.68 3.22 -7.44
C TRP A 206 5.40 4.56 -7.36
N THR A 207 6.08 4.77 -6.23
CA THR A 207 7.01 5.89 -6.13
C THR A 207 8.45 5.49 -5.92
N VAL A 208 8.72 4.25 -5.50
CA VAL A 208 10.08 3.78 -5.24
C VAL A 208 10.24 2.44 -5.95
N ASP A 209 11.10 2.40 -6.96
CA ASP A 209 11.35 1.19 -7.74
C ASP A 209 12.64 0.57 -7.26
N THR A 210 12.57 -0.69 -6.79
CA THR A 210 13.79 -1.38 -6.37
C THR A 210 14.67 -1.76 -7.54
N ILE A 211 14.10 -1.87 -8.75
CA ILE A 211 14.79 -2.35 -9.94
C ILE A 211 15.45 -3.67 -9.59
N ASP A 212 14.74 -4.52 -8.85
CA ASP A 212 15.30 -5.77 -8.38
C ASP A 212 15.44 -6.80 -9.48
N TRP A 213 14.71 -6.64 -10.59
CA TRP A 213 14.84 -7.57 -11.70
C TRP A 213 16.19 -7.49 -12.39
N LYS A 214 16.98 -6.45 -12.11
CA LYS A 214 18.35 -6.35 -12.62
C LYS A 214 19.35 -7.08 -11.75
N ARG A 215 18.88 -7.79 -10.72
CA ARG A 215 19.74 -8.52 -9.80
C ARG A 215 20.80 -7.63 -9.16
N PRO A 216 20.41 -6.54 -8.50
CA PRO A 216 21.39 -5.76 -7.76
C PRO A 216 21.86 -6.51 -6.53
N GLU A 217 23.01 -6.11 -6.03
CA GLU A 217 23.43 -6.61 -4.73
C GLU A 217 22.40 -6.20 -3.67
N PRO A 218 22.07 -7.09 -2.74
CA PRO A 218 21.05 -6.76 -1.75
C PRO A 218 21.27 -5.44 -1.04
N ASP A 219 22.51 -5.10 -0.67
CA ASP A 219 22.72 -3.83 0.00
C ASP A 219 22.51 -2.65 -0.94
N VAL A 220 22.82 -2.82 -2.23
CA VAL A 220 22.55 -1.76 -3.19
C VAL A 220 21.05 -1.52 -3.29
N LEU A 221 20.26 -2.58 -3.28
CA LEU A 221 18.81 -2.42 -3.30
C LEU A 221 18.33 -1.73 -2.03
N LEU A 222 18.78 -2.22 -0.87
CA LEU A 222 18.38 -1.60 0.40
C LEU A 222 18.71 -0.11 0.41
N GLN A 223 19.92 0.28 0.00
CA GLN A 223 20.28 1.69 0.04
C GLN A 223 19.43 2.50 -0.93
N ARG A 224 19.17 1.95 -2.11
CA ARG A 224 18.29 2.62 -3.08
C ARG A 224 16.95 2.95 -2.46
N VAL A 225 16.35 1.98 -1.77
CA VAL A 225 15.04 2.20 -1.16
C VAL A 225 15.13 3.25 -0.07
N MET A 226 16.12 3.13 0.81
CA MET A 226 16.16 4.06 1.93
C MET A 226 16.46 5.48 1.47
N ARG A 227 17.18 5.63 0.36
CA ARG A 227 17.46 6.96 -0.19
C ARG A 227 16.22 7.62 -0.78
N LYS A 228 15.23 6.82 -1.19
CA LYS A 228 14.07 7.33 -1.91
C LYS A 228 12.78 7.30 -1.10
N ILE A 229 12.77 6.58 0.03
CA ILE A 229 11.52 6.39 0.75
C ILE A 229 11.02 7.70 1.34
N HIS A 230 9.71 7.76 1.56
CA HIS A 230 9.03 8.94 2.05
C HIS A 230 7.65 8.52 2.55
N PRO A 231 7.00 9.35 3.37
CA PRO A 231 5.63 9.03 3.81
C PRO A 231 4.70 8.82 2.61
N GLY A 232 3.95 7.72 2.64
CA GLY A 232 3.06 7.37 1.56
C GLY A 232 3.71 6.69 0.38
N ALA A 233 4.99 6.33 0.47
CA ALA A 233 5.65 5.69 -0.67
C ALA A 233 5.04 4.33 -0.97
N ILE A 234 5.01 3.99 -2.26
CA ILE A 234 4.68 2.65 -2.73
C ILE A 234 5.95 2.05 -3.34
N VAL A 235 6.39 0.91 -2.83
CA VAL A 235 7.63 0.27 -3.26
C VAL A 235 7.29 -0.88 -4.19
N LEU A 236 7.95 -0.91 -5.36
CA LEU A 236 7.75 -1.96 -6.36
C LEU A 236 8.87 -2.99 -6.25
N MET A 237 8.50 -4.27 -6.08
CA MET A 237 9.41 -5.41 -6.03
C MET A 237 8.88 -6.55 -6.88
N HIS A 238 9.72 -7.56 -7.08
CA HIS A 238 9.37 -8.81 -7.73
C HIS A 238 9.93 -9.95 -6.92
N PRO A 239 9.50 -11.19 -7.19
CA PRO A 239 10.09 -12.31 -6.45
C PRO A 239 11.47 -12.64 -6.99
N THR A 240 12.49 -11.97 -6.46
CA THR A 240 13.86 -12.14 -6.94
C THR A 240 14.78 -12.45 -5.77
N SER A 241 15.98 -12.91 -6.10
N SER A 241 15.98 -12.93 -6.10
CA SER A 241 17.00 -13.13 -5.08
CA SER A 241 16.99 -13.13 -5.07
C SER A 241 17.35 -11.84 -4.36
C SER A 241 17.33 -11.83 -4.35
N SER A 242 17.47 -10.73 -5.10
CA SER A 242 17.82 -9.45 -4.48
C SER A 242 16.78 -9.03 -3.47
N THR A 243 15.50 -9.05 -3.87
CA THR A 243 14.43 -8.69 -2.93
C THR A 243 14.39 -9.62 -1.74
N THR A 244 14.52 -10.93 -1.97
CA THR A 244 14.40 -11.89 -0.87
C THR A 244 15.53 -11.71 0.14
N GLU A 245 16.74 -11.39 -0.33
CA GLU A 245 17.86 -11.19 0.58
C GLU A 245 17.80 -9.85 1.30
N ALA A 246 17.13 -8.85 0.72
CA ALA A 246 17.09 -7.53 1.32
C ALA A 246 15.84 -7.27 2.17
N LEU A 247 14.77 -8.05 1.99
CA LEU A 247 13.46 -7.63 2.49
C LEU A 247 13.41 -7.57 4.01
N ASP A 248 14.01 -8.55 4.70
CA ASP A 248 13.96 -8.58 6.16
C ASP A 248 14.60 -7.31 6.73
N THR A 249 15.81 -6.98 6.27
CA THR A 249 16.48 -5.76 6.73
C THR A 249 15.72 -4.51 6.29
N MET A 250 15.17 -4.52 5.08
CA MET A 250 14.43 -3.36 4.59
C MET A 250 13.26 -3.04 5.51
N ILE A 251 12.47 -4.05 5.87
CA ILE A 251 11.32 -3.77 6.72
C ILE A 251 11.78 -3.30 8.10
N THR A 252 12.83 -3.93 8.64
CA THR A 252 13.36 -3.50 9.93
C THR A 252 13.75 -2.02 9.90
N LYS A 253 14.46 -1.61 8.85
CA LYS A 253 14.94 -0.23 8.75
C LYS A 253 13.79 0.75 8.53
N LEU A 254 12.77 0.35 7.78
CA LEU A 254 11.62 1.21 7.61
C LEU A 254 10.91 1.44 8.93
N LYS A 255 10.70 0.37 9.69
CA LYS A 255 10.05 0.53 11.00
C LYS A 255 10.90 1.38 11.93
N GLU A 256 12.23 1.22 11.88
CA GLU A 256 13.11 2.03 12.71
C GLU A 256 12.99 3.52 12.38
N GLN A 257 12.68 3.86 11.14
CA GLN A 257 12.49 5.25 10.73
C GLN A 257 11.12 5.78 11.12
N GLY A 258 10.26 4.94 11.67
CA GLY A 258 8.94 5.36 12.10
C GLY A 258 7.81 5.05 11.15
N TYR A 259 8.07 4.29 10.10
CA TYR A 259 7.01 3.93 9.14
C TYR A 259 6.25 2.69 9.59
N LYS A 260 4.92 2.74 9.43
CA LYS A 260 4.15 1.53 9.30
C LYS A 260 4.37 0.98 7.90
N VAL A 261 4.33 -0.33 7.76
CA VAL A 261 4.55 -0.98 6.47
C VAL A 261 3.38 -1.92 6.20
N GLY A 262 2.79 -1.83 5.01
CA GLY A 262 1.60 -2.62 4.73
C GLY A 262 1.31 -2.71 3.25
N ASN A 263 0.14 -3.25 2.95
CA ASN A 263 -0.22 -3.46 1.55
C ASN A 263 -0.96 -2.22 1.02
N ILE A 264 -1.42 -2.30 -0.23
CA ILE A 264 -2.06 -1.13 -0.83
C ILE A 264 -3.37 -0.79 -0.15
N THR A 265 -4.21 -1.80 0.14
CA THR A 265 -5.47 -1.51 0.79
C THR A 265 -5.25 -0.80 2.12
N GLU A 266 -4.23 -1.24 2.88
CA GLU A 266 -3.94 -0.60 4.16
C GLU A 266 -3.35 0.79 3.95
N LEU A 267 -2.43 0.93 3.00
CA LEU A 267 -1.78 2.21 2.79
C LEU A 267 -2.79 3.31 2.46
N LEU A 268 -3.74 3.01 1.58
CA LEU A 268 -4.66 4.02 1.09
C LEU A 268 -5.81 4.27 2.04
N ASP A 269 -5.93 3.49 3.11
CA ASP A 269 -6.97 3.72 4.11
C ASP A 269 -6.81 5.12 4.71
N GLU A 270 -7.95 5.76 4.99
CA GLU A 270 -7.89 7.07 5.63
C GLU A 270 -7.51 7.02 7.10
N LYS A 271 -7.58 5.85 7.74
CA LYS A 271 -7.28 5.76 9.17
C LYS A 271 -5.84 6.17 9.46
N ARG A 272 -5.63 6.87 10.56
CA ARG A 272 -4.30 7.33 10.90
C ARG A 272 -3.42 6.20 11.42
N VAL A 273 -2.11 6.36 11.23
CA VAL A 273 -1.14 5.38 11.74
C VAL A 273 -0.89 5.60 13.23
S SO4 B . 6.68 -6.05 -14.34
O1 SO4 B . 6.24 -7.21 -13.54
O2 SO4 B . 5.49 -5.37 -14.82
O3 SO4 B . 7.49 -6.53 -15.45
O4 SO4 B . 7.48 -5.14 -13.53
S SO4 C . 19.81 4.93 -8.22
O1 SO4 C . 18.78 4.86 -9.24
O2 SO4 C . 19.75 3.73 -7.39
O3 SO4 C . 19.60 6.11 -7.37
O4 SO4 C . 21.13 5.02 -8.84
C TRS D . -9.85 6.57 -8.79
C1 TRS D . -9.48 5.78 -7.55
C2 TRS D . -11.24 7.18 -8.67
C3 TRS D . -9.74 5.70 -10.05
N TRS D . -8.88 7.67 -8.92
O1 TRS D . -10.02 4.48 -7.58
O2 TRS D . -12.18 6.18 -8.34
O3 TRS D . -10.78 4.75 -10.12
#